data_1CL4
#
_entry.id   1CL4
#
_cell.length_a   1.000
_cell.length_b   1.000
_cell.length_c   1.000
_cell.angle_alpha   90.00
_cell.angle_beta   90.00
_cell.angle_gamma   90.00
#
_symmetry.space_group_name_H-M   'P 1'
#
loop_
_entity.id
_entity.type
_entity.pdbx_description
1 polymer 'PROTEIN (GAG POLYPROTEIN)'
2 non-polymer 'ZINC ION'
#
_entity_poly.entity_id   1
_entity_poly.type   'polypeptide(L)'
_entity_poly.pdbx_seq_one_letter_code
;GGSCFKCGKKGHFAKNCHEHAHNNAEPKVPGLCPRCKRGKHWANECKSKTDNQGNPIPPH
;
_entity_poly.pdbx_strand_id   A
#
loop_
_chem_comp.id
_chem_comp.type
_chem_comp.name
_chem_comp.formula
ZN non-polymer 'ZINC ION' 'Zn 2'
#
# COMPACT_ATOMS: atom_id res chain seq x y z
N VAL A 29 -1.69 -8.78 -14.00
CA VAL A 29 -2.38 -9.42 -12.83
C VAL A 29 -1.55 -9.27 -11.55
N PRO A 30 -1.23 -8.04 -11.21
CA PRO A 30 -0.47 -7.74 -9.99
C PRO A 30 -1.38 -7.77 -8.77
N GLY A 31 -0.86 -8.06 -7.59
CA GLY A 31 -1.74 -8.14 -6.39
C GLY A 31 -1.20 -7.28 -5.24
N LEU A 32 -1.20 -7.83 -4.05
CA LEU A 32 -0.76 -7.07 -2.85
C LEU A 32 0.30 -6.07 -3.22
N CYS A 33 -0.18 -4.91 -3.45
CA CYS A 33 0.65 -3.73 -3.79
C CYS A 33 2.11 -3.92 -3.29
N PRO A 34 3.04 -3.69 -4.18
CA PRO A 34 4.48 -3.82 -3.87
C PRO A 34 4.99 -2.61 -3.09
N ARG A 35 4.09 -1.77 -2.64
CA ARG A 35 4.49 -0.58 -1.86
C ARG A 35 3.86 -0.66 -0.48
N CYS A 36 2.62 -1.05 -0.40
CA CYS A 36 1.97 -1.15 0.93
C CYS A 36 1.72 -2.64 1.25
N LYS A 37 0.65 -2.93 1.92
CA LYS A 37 0.32 -4.33 2.28
C LYS A 37 -1.17 -4.40 2.63
N ARG A 38 -1.95 -3.43 2.21
CA ARG A 38 -3.40 -3.46 2.53
C ARG A 38 -4.20 -3.29 1.27
N GLY A 39 -3.61 -3.62 0.14
CA GLY A 39 -4.35 -3.47 -1.14
C GLY A 39 -3.70 -4.38 -2.17
N LYS A 40 -4.36 -4.61 -3.26
CA LYS A 40 -3.78 -5.49 -4.31
C LYS A 40 -3.63 -4.66 -5.58
N HIS A 41 -2.95 -3.55 -5.48
CA HIS A 41 -2.78 -2.67 -6.67
C HIS A 41 -1.33 -2.29 -6.88
N TRP A 42 -1.11 -1.42 -7.81
CA TRP A 42 0.27 -1.02 -8.16
C TRP A 42 0.62 0.33 -7.53
N ALA A 43 1.88 0.63 -7.41
CA ALA A 43 2.32 1.91 -6.79
C ALA A 43 1.52 3.09 -7.34
N ASN A 44 1.74 3.43 -8.59
CA ASN A 44 1.00 4.58 -9.20
C ASN A 44 -0.44 4.61 -8.69
N GLU A 45 -1.07 3.47 -8.59
CA GLU A 45 -2.46 3.42 -8.09
C GLU A 45 -2.46 2.82 -6.69
N CYS A 46 -1.83 3.48 -5.75
CA CYS A 46 -1.78 2.93 -4.36
C CYS A 46 -2.08 4.05 -3.36
N LYS A 47 -2.81 3.72 -2.33
CA LYS A 47 -3.13 4.71 -1.27
C LYS A 47 -3.50 3.95 -0.02
N SER A 48 -2.52 3.75 0.79
CA SER A 48 -2.67 2.98 2.04
C SER A 48 -3.22 3.88 3.16
N LYS A 49 -4.33 3.49 3.73
CA LYS A 49 -4.92 4.30 4.84
C LYS A 49 -4.29 3.88 6.16
N THR A 50 -3.08 4.31 6.41
CA THR A 50 -2.41 3.91 7.68
C THR A 50 -1.90 5.17 8.39
N ASP A 51 -1.35 6.11 7.67
CA ASP A 51 -0.85 7.35 8.31
C ASP A 51 -1.00 8.53 7.33
N ASN A 52 -0.21 9.56 7.51
CA ASN A 52 -0.30 10.74 6.59
C ASN A 52 1.00 10.90 5.81
N GLN A 53 1.51 9.85 5.24
CA GLN A 53 2.77 9.96 4.46
C GLN A 53 2.60 9.23 3.12
N GLY A 54 3.00 7.99 3.05
CA GLY A 54 2.86 7.21 1.79
C GLY A 54 2.46 5.79 2.15
N ASN A 55 3.36 5.06 2.76
CA ASN A 55 3.04 3.67 3.16
C ASN A 55 3.58 3.43 4.58
N PRO A 56 2.81 3.85 5.54
CA PRO A 56 3.14 3.74 6.96
C PRO A 56 2.62 2.41 7.45
N ILE A 57 2.41 1.50 6.54
CA ILE A 57 1.88 0.18 6.91
C ILE A 57 2.73 -0.40 8.05
N PRO A 58 2.08 -0.76 9.13
CA PRO A 58 2.78 -1.32 10.32
C PRO A 58 3.34 -2.75 10.11
N PRO A 59 2.70 -3.57 9.31
CA PRO A 59 3.18 -4.95 9.07
C PRO A 59 4.37 -4.92 8.09
N HIS A 60 4.40 -3.94 7.22
CA HIS A 60 5.52 -3.87 6.24
C HIS A 60 5.53 -2.48 5.58
ZN ZN B . -0.66 -0.10 -2.06
N VAL A 29 0.08 -8.55 -14.02
CA VAL A 29 -0.93 -9.13 -13.08
C VAL A 29 -0.40 -9.10 -11.64
N PRO A 30 -0.13 -7.92 -11.15
CA PRO A 30 0.36 -7.71 -9.78
C PRO A 30 -0.80 -7.81 -8.77
N GLY A 31 -0.51 -8.06 -7.51
CA GLY A 31 -1.61 -8.20 -6.52
C GLY A 31 -1.43 -7.29 -5.30
N LEU A 32 -1.61 -7.84 -4.11
CA LEU A 32 -1.52 -7.09 -2.81
C LEU A 32 -1.12 -5.64 -3.02
N CYS A 33 0.09 -5.45 -3.45
CA CYS A 33 0.66 -4.10 -3.73
C CYS A 33 2.14 -4.06 -3.28
N PRO A 34 3.01 -3.72 -4.21
CA PRO A 34 4.46 -3.64 -3.95
C PRO A 34 4.81 -2.32 -3.25
N ARG A 35 3.82 -1.60 -2.80
CA ARG A 35 4.08 -0.31 -2.10
C ARG A 35 3.53 -0.43 -0.68
N CYS A 36 2.26 -0.75 -0.55
CA CYS A 36 1.70 -0.90 0.82
C CYS A 36 1.56 -2.40 1.10
N LYS A 37 0.52 -2.78 1.79
CA LYS A 37 0.29 -4.20 2.09
C LYS A 37 -1.15 -4.37 2.56
N ARG A 38 -2.01 -3.49 2.15
CA ARG A 38 -3.42 -3.59 2.60
C ARG A 38 -4.35 -3.53 1.38
N GLY A 39 -3.90 -3.98 0.24
CA GLY A 39 -4.79 -3.93 -0.94
C GLY A 39 -4.33 -4.91 -1.99
N LYS A 40 -4.38 -4.50 -3.22
CA LYS A 40 -3.95 -5.35 -4.36
C LYS A 40 -3.69 -4.42 -5.53
N HIS A 41 -2.57 -3.76 -5.56
CA HIS A 41 -2.34 -2.80 -6.67
C HIS A 41 -0.93 -2.25 -6.67
N TRP A 42 -0.69 -1.30 -7.54
CA TRP A 42 0.67 -0.75 -7.68
C TRP A 42 0.73 0.70 -7.18
N ALA A 43 1.92 1.22 -7.05
CA ALA A 43 2.09 2.62 -6.54
C ALA A 43 1.18 3.59 -7.29
N ASN A 44 1.42 3.81 -8.56
CA ASN A 44 0.56 4.76 -9.33
C ASN A 44 -0.90 4.59 -8.91
N GLU A 45 -1.32 3.38 -8.71
CA GLU A 45 -2.72 3.14 -8.28
C GLU A 45 -2.71 2.50 -6.88
N CYS A 46 -2.13 3.18 -5.92
CA CYS A 46 -2.07 2.61 -4.55
C CYS A 46 -2.55 3.61 -3.52
N LYS A 47 -3.04 3.12 -2.41
CA LYS A 47 -3.52 4.01 -1.32
C LYS A 47 -3.30 3.28 0.00
N SER A 48 -3.09 4.01 1.05
CA SER A 48 -2.83 3.35 2.35
C SER A 48 -2.76 4.40 3.45
N LYS A 49 -3.84 5.09 3.69
CA LYS A 49 -3.83 6.14 4.73
C LYS A 49 -3.63 5.53 6.11
N THR A 50 -2.42 5.56 6.61
CA THR A 50 -2.16 5.01 7.97
C THR A 50 -1.63 6.15 8.84
N ASP A 51 -0.57 6.77 8.43
CA ASP A 51 0.00 7.90 9.24
C ASP A 51 -0.01 9.19 8.42
N ASN A 52 1.03 9.45 7.69
CA ASN A 52 1.07 10.71 6.87
C ASN A 52 1.43 10.37 5.42
N GLN A 53 1.79 9.14 5.14
CA GLN A 53 2.16 8.76 3.76
C GLN A 53 1.19 7.68 3.26
N GLY A 54 1.62 6.89 2.31
CA GLY A 54 0.74 5.82 1.79
C GLY A 54 1.39 4.46 2.01
N ASN A 55 2.57 4.44 2.58
CA ASN A 55 3.24 3.14 2.82
C ASN A 55 3.61 2.90 4.31
N PRO A 56 2.91 3.49 5.25
CA PRO A 56 3.20 3.29 6.66
C PRO A 56 2.26 2.19 7.07
N ILE A 57 2.42 1.03 6.55
CA ILE A 57 1.44 -0.01 6.89
C ILE A 57 2.06 -1.09 7.80
N PRO A 58 2.20 -0.79 9.06
CA PRO A 58 2.77 -1.73 10.03
C PRO A 58 1.74 -2.78 10.44
N PRO A 59 2.20 -3.99 10.66
CA PRO A 59 1.34 -5.11 11.09
C PRO A 59 1.02 -4.99 12.57
N HIS A 60 1.80 -4.25 13.31
CA HIS A 60 1.54 -4.09 14.76
C HIS A 60 1.48 -5.48 15.43
ZN ZN B . -0.98 -0.30 -2.18
N VAL A 29 -1.22 -9.63 -13.59
CA VAL A 29 -0.70 -8.45 -12.87
C VAL A 29 -0.39 -8.83 -11.42
N PRO A 30 0.21 -7.89 -10.73
CA PRO A 30 0.57 -8.07 -9.31
C PRO A 30 -0.66 -8.01 -8.40
N GLY A 31 -0.48 -8.25 -7.12
CA GLY A 31 -1.67 -8.24 -6.20
C GLY A 31 -1.48 -7.28 -5.02
N LEU A 32 -1.63 -7.81 -3.81
CA LEU A 32 -1.52 -6.98 -2.55
C LEU A 32 -1.10 -5.55 -2.85
N CYS A 33 0.10 -5.41 -3.29
CA CYS A 33 0.71 -4.10 -3.66
C CYS A 33 2.18 -4.06 -3.24
N PRO A 34 3.05 -3.82 -4.19
CA PRO A 34 4.51 -3.77 -3.95
C PRO A 34 4.89 -2.41 -3.35
N ARG A 35 3.93 -1.65 -2.92
CA ARG A 35 4.22 -0.32 -2.31
C ARG A 35 3.73 -0.34 -0.86
N CYS A 36 2.48 -0.66 -0.66
CA CYS A 36 1.95 -0.74 0.73
C CYS A 36 1.75 -2.22 1.08
N LYS A 37 0.72 -2.51 1.81
CA LYS A 37 0.43 -3.91 2.19
C LYS A 37 -1.00 -3.98 2.68
N ARG A 38 -1.84 -3.10 2.21
CA ARG A 38 -3.25 -3.10 2.67
C ARG A 38 -4.19 -3.11 1.47
N GLY A 39 -3.74 -3.59 0.34
CA GLY A 39 -4.66 -3.58 -0.84
C GLY A 39 -4.26 -4.66 -1.83
N LYS A 40 -4.29 -4.30 -3.08
CA LYS A 40 -3.93 -5.26 -4.17
C LYS A 40 -3.62 -4.38 -5.39
N HIS A 41 -2.46 -3.77 -5.44
CA HIS A 41 -2.19 -2.87 -6.59
C HIS A 41 -0.81 -2.24 -6.52
N TRP A 42 -0.55 -1.30 -7.38
CA TRP A 42 0.79 -0.68 -7.44
C TRP A 42 0.75 0.83 -7.25
N ALA A 43 1.91 1.45 -7.22
CA ALA A 43 2.00 2.93 -7.05
C ALA A 43 0.85 3.60 -7.81
N ASN A 44 1.04 3.89 -9.06
CA ASN A 44 -0.07 4.52 -9.84
C ASN A 44 -1.29 3.62 -9.71
N GLU A 45 -2.11 3.87 -8.71
CA GLU A 45 -3.32 3.05 -8.43
C GLU A 45 -3.16 2.43 -7.04
N CYS A 46 -2.48 3.11 -6.15
CA CYS A 46 -2.27 2.55 -4.78
C CYS A 46 -2.72 3.57 -3.73
N LYS A 47 -3.31 3.09 -2.67
CA LYS A 47 -3.75 3.99 -1.58
C LYS A 47 -3.40 3.33 -0.27
N SER A 48 -3.14 4.09 0.75
CA SER A 48 -2.74 3.45 2.02
C SER A 48 -2.77 4.46 3.16
N LYS A 49 -3.57 5.49 3.06
CA LYS A 49 -3.62 6.48 4.18
C LYS A 49 -3.71 5.71 5.49
N THR A 50 -2.59 5.48 6.11
CA THR A 50 -2.57 4.69 7.37
C THR A 50 -2.03 5.56 8.50
N ASP A 51 -1.04 6.37 8.23
CA ASP A 51 -0.49 7.23 9.32
C ASP A 51 0.40 8.33 8.74
N ASN A 52 1.45 7.98 8.05
CA ASN A 52 2.35 9.03 7.50
C ASN A 52 1.95 9.38 6.05
N GLN A 53 2.39 8.60 5.09
CA GLN A 53 2.05 8.93 3.68
C GLN A 53 1.25 7.80 3.03
N GLY A 54 1.90 6.89 2.34
CA GLY A 54 1.15 5.79 1.66
C GLY A 54 1.72 4.43 2.07
N ASN A 55 2.76 4.40 2.83
CA ASN A 55 3.33 3.08 3.24
C ASN A 55 3.54 2.97 4.77
N PRO A 56 2.72 3.61 5.59
CA PRO A 56 2.85 3.53 7.04
C PRO A 56 2.01 2.33 7.49
N ILE A 57 1.73 1.45 6.58
CA ILE A 57 0.87 0.29 6.89
C ILE A 57 1.42 -0.44 8.12
N PRO A 58 0.53 -0.83 9.00
CA PRO A 58 0.90 -1.55 10.23
C PRO A 58 1.11 -3.04 9.95
N PRO A 59 2.25 -3.54 10.32
CA PRO A 59 2.60 -4.96 10.11
C PRO A 59 1.91 -5.84 11.16
N HIS A 60 0.88 -6.54 10.77
CA HIS A 60 0.17 -7.41 11.74
C HIS A 60 -0.07 -8.79 11.12
ZN ZN B . -0.85 -0.14 -2.26
N VAL A 29 -3.61 -7.59 -12.50
CA VAL A 29 -2.75 -8.81 -12.60
C VAL A 29 -2.03 -9.06 -11.28
N PRO A 30 -1.20 -8.14 -10.89
CA PRO A 30 -0.46 -8.21 -9.61
C PRO A 30 -1.44 -8.06 -8.44
N GLY A 31 -0.99 -8.15 -7.22
CA GLY A 31 -1.95 -8.07 -6.08
C GLY A 31 -1.51 -7.12 -4.96
N LEU A 32 -1.70 -7.57 -3.73
CA LEU A 32 -1.38 -6.77 -2.51
C LEU A 32 -0.93 -5.36 -2.82
N CYS A 33 0.25 -5.26 -3.34
CA CYS A 33 0.87 -3.97 -3.74
C CYS A 33 2.38 -3.99 -3.40
N PRO A 34 3.19 -3.72 -4.40
CA PRO A 34 4.66 -3.70 -4.25
C PRO A 34 5.12 -2.40 -3.58
N ARG A 35 4.21 -1.61 -3.10
CA ARG A 35 4.58 -0.34 -2.44
C ARG A 35 4.12 -0.39 -0.98
N CYS A 36 2.86 -0.69 -0.76
CA CYS A 36 2.36 -0.77 0.65
C CYS A 36 2.10 -2.24 0.99
N LYS A 37 1.09 -2.49 1.77
CA LYS A 37 0.74 -3.87 2.16
C LYS A 37 -0.67 -3.88 2.72
N ARG A 38 -1.47 -2.91 2.33
CA ARG A 38 -2.86 -2.84 2.86
C ARG A 38 -3.85 -2.83 1.71
N GLY A 39 -3.44 -3.24 0.54
CA GLY A 39 -4.39 -3.23 -0.60
C GLY A 39 -3.95 -4.27 -1.61
N LYS A 40 -4.28 -4.07 -2.86
CA LYS A 40 -3.89 -5.01 -3.92
C LYS A 40 -3.67 -4.18 -5.18
N HIS A 41 -2.51 -3.60 -5.34
CA HIS A 41 -2.32 -2.74 -6.54
C HIS A 41 -0.88 -2.28 -6.70
N TRP A 42 -0.67 -1.47 -7.70
CA TRP A 42 0.69 -1.02 -8.01
C TRP A 42 0.92 0.43 -7.56
N ALA A 43 2.17 0.88 -7.60
CA ALA A 43 2.50 2.26 -7.16
C ALA A 43 1.71 3.29 -7.98
N ASN A 44 1.93 3.34 -9.27
CA ASN A 44 1.20 4.33 -10.11
C ASN A 44 -0.26 4.41 -9.65
N GLU A 45 -0.77 3.32 -9.12
CA GLU A 45 -2.17 3.32 -8.62
C GLU A 45 -2.19 2.69 -7.23
N CYS A 46 -1.50 3.29 -6.29
CA CYS A 46 -1.46 2.72 -4.91
C CYS A 46 -1.93 3.76 -3.89
N LYS A 47 -2.37 3.29 -2.76
CA LYS A 47 -2.83 4.20 -1.68
C LYS A 47 -2.80 3.41 -0.38
N SER A 48 -2.80 4.07 0.74
CA SER A 48 -2.73 3.31 2.00
C SER A 48 -2.94 4.22 3.21
N LYS A 49 -4.15 4.67 3.43
CA LYS A 49 -4.41 5.54 4.60
C LYS A 49 -4.12 4.72 5.86
N THR A 50 -2.91 4.74 6.33
CA THR A 50 -2.56 3.94 7.54
C THR A 50 -2.07 4.88 8.65
N ASP A 51 -1.27 5.86 8.32
CA ASP A 51 -0.77 6.78 9.38
C ASP A 51 -0.78 8.23 8.88
N ASN A 52 0.15 8.60 8.03
CA ASN A 52 0.18 10.01 7.55
C ASN A 52 0.45 10.07 6.04
N GLN A 53 1.08 9.07 5.48
CA GLN A 53 1.36 9.11 4.03
C GLN A 53 0.66 7.94 3.32
N GLY A 54 1.38 7.11 2.60
CA GLY A 54 0.72 5.96 1.91
C GLY A 54 1.47 4.66 2.22
N ASN A 55 2.58 4.73 2.87
CA ASN A 55 3.33 3.49 3.18
C ASN A 55 3.67 3.37 4.69
N PRO A 56 2.81 3.83 5.57
CA PRO A 56 3.04 3.72 7.02
C PRO A 56 2.50 2.38 7.47
N ILE A 57 2.31 1.50 6.52
CA ILE A 57 1.73 0.18 6.84
C ILE A 57 2.55 -0.50 7.94
N PRO A 58 1.88 -0.88 9.00
CA PRO A 58 2.55 -1.54 10.14
C PRO A 58 2.76 -3.03 9.83
N PRO A 59 3.90 -3.54 10.23
CA PRO A 59 4.26 -4.95 10.00
C PRO A 59 3.56 -5.85 11.02
N HIS A 60 3.37 -7.10 10.69
CA HIS A 60 2.69 -8.02 11.65
C HIS A 60 1.30 -7.48 11.99
ZN ZN B . -0.46 -0.01 -2.22
N VAL A 29 0.23 -7.98 -13.68
CA VAL A 29 -0.51 -8.93 -12.83
C VAL A 29 -0.07 -8.87 -11.35
N PRO A 30 0.27 -7.70 -10.86
CA PRO A 30 0.66 -7.52 -9.45
C PRO A 30 -0.58 -7.63 -8.55
N GLY A 31 -0.41 -7.94 -7.29
CA GLY A 31 -1.60 -8.10 -6.39
C GLY A 31 -1.53 -7.16 -5.18
N LEU A 32 -1.60 -7.72 -3.98
CA LEU A 32 -1.58 -6.92 -2.70
C LEU A 32 -1.15 -5.48 -2.96
N CYS A 33 0.08 -5.32 -3.30
CA CYS A 33 0.69 -4.00 -3.61
C CYS A 33 2.17 -3.97 -3.19
N PRO A 34 3.04 -3.68 -4.15
CA PRO A 34 4.49 -3.62 -3.89
C PRO A 34 4.87 -2.32 -3.17
N ARG A 35 3.89 -1.59 -2.68
CA ARG A 35 4.19 -0.33 -1.97
C ARG A 35 3.65 -0.45 -0.54
N CYS A 36 2.45 -0.97 -0.38
CA CYS A 36 1.89 -1.14 0.97
C CYS A 36 1.62 -2.63 1.22
N LYS A 37 0.57 -2.95 1.90
CA LYS A 37 0.22 -4.36 2.17
C LYS A 37 -1.24 -4.43 2.60
N ARG A 38 -2.03 -3.49 2.18
CA ARG A 38 -3.47 -3.48 2.55
C ARG A 38 -4.31 -3.21 1.31
N GLY A 39 -4.31 -4.12 0.38
CA GLY A 39 -5.10 -3.92 -0.86
C GLY A 39 -4.56 -4.85 -1.95
N LYS A 40 -4.51 -4.36 -3.16
CA LYS A 40 -4.00 -5.16 -4.31
C LYS A 40 -3.69 -4.18 -5.42
N HIS A 41 -2.51 -3.60 -5.46
CA HIS A 41 -2.25 -2.60 -6.53
C HIS A 41 -0.85 -2.01 -6.44
N TRP A 42 -0.59 -1.07 -7.30
CA TRP A 42 0.76 -0.46 -7.37
C TRP A 42 0.72 1.03 -7.00
N ALA A 43 1.87 1.64 -6.91
CA ALA A 43 1.96 3.09 -6.54
C ALA A 43 1.01 3.92 -7.39
N ASN A 44 1.27 4.04 -8.67
CA ASN A 44 0.37 4.85 -9.55
C ASN A 44 -1.09 4.61 -9.15
N GLU A 45 -1.38 3.45 -8.64
CA GLU A 45 -2.77 3.14 -8.21
C GLU A 45 -2.71 2.52 -6.81
N CYS A 46 -2.19 3.25 -5.86
CA CYS A 46 -2.10 2.69 -4.48
C CYS A 46 -2.58 3.72 -3.46
N LYS A 47 -3.11 3.25 -2.37
CA LYS A 47 -3.60 4.16 -1.31
C LYS A 47 -3.53 3.42 0.01
N SER A 48 -3.22 4.10 1.06
CA SER A 48 -3.10 3.39 2.35
C SER A 48 -3.01 4.42 3.49
N LYS A 49 -3.96 5.32 3.56
CA LYS A 49 -3.95 6.33 4.65
C LYS A 49 -3.73 5.61 5.98
N THR A 50 -2.51 5.47 6.38
CA THR A 50 -2.22 4.76 7.66
C THR A 50 -1.50 5.73 8.61
N ASP A 51 -0.59 6.52 8.10
CA ASP A 51 0.12 7.47 8.99
C ASP A 51 0.84 8.55 8.16
N ASN A 52 1.81 8.18 7.38
CA ASN A 52 2.55 9.20 6.58
C ASN A 52 1.88 9.41 5.22
N GLN A 53 2.04 8.50 4.30
CA GLN A 53 1.41 8.68 2.97
C GLN A 53 0.58 7.45 2.59
N GLY A 54 1.16 6.52 1.88
CA GLY A 54 0.38 5.31 1.48
C GLY A 54 1.11 4.03 1.91
N ASN A 55 2.29 4.15 2.45
CA ASN A 55 3.02 2.92 2.86
C ASN A 55 3.48 2.94 4.34
N PRO A 56 2.80 3.64 5.21
CA PRO A 56 3.17 3.68 6.63
C PRO A 56 2.54 2.49 7.31
N ILE A 57 2.07 1.56 6.52
CA ILE A 57 1.37 0.39 7.07
C ILE A 57 2.15 -0.15 8.29
N PRO A 58 1.48 -0.23 9.41
CA PRO A 58 2.10 -0.70 10.67
C PRO A 58 2.38 -2.23 10.69
N PRO A 59 1.57 -3.04 10.05
CA PRO A 59 1.78 -4.49 10.03
C PRO A 59 2.90 -4.86 9.06
N HIS A 60 3.10 -6.12 8.79
CA HIS A 60 4.18 -6.52 7.86
C HIS A 60 3.63 -7.51 6.83
ZN ZN B . -0.92 -0.22 -1.99
N VAL A 29 -1.85 -7.97 -13.95
CA VAL A 29 -2.40 -8.89 -12.92
C VAL A 29 -1.58 -8.83 -11.60
N PRO A 30 -1.11 -7.66 -11.21
CA PRO A 30 -0.37 -7.50 -9.94
C PRO A 30 -1.34 -7.58 -8.75
N GLY A 31 -0.85 -7.60 -7.54
CA GLY A 31 -1.80 -7.74 -6.38
C GLY A 31 -1.42 -6.87 -5.15
N LEU A 32 -1.57 -7.45 -3.97
CA LEU A 32 -1.31 -6.76 -2.66
C LEU A 32 -0.90 -5.31 -2.84
N CYS A 33 0.28 -5.13 -3.33
CA CYS A 33 0.88 -3.78 -3.58
C CYS A 33 2.37 -3.80 -3.24
N PRO A 34 3.20 -3.45 -4.21
CA PRO A 34 4.67 -3.43 -4.04
C PRO A 34 5.12 -2.19 -3.26
N ARG A 35 4.20 -1.46 -2.69
CA ARG A 35 4.58 -0.25 -1.91
C ARG A 35 4.10 -0.43 -0.47
N CYS A 36 2.83 -0.63 -0.28
CA CYS A 36 2.30 -0.84 1.10
C CYS A 36 2.09 -2.35 1.30
N LYS A 37 1.08 -2.72 2.02
CA LYS A 37 0.79 -4.15 2.24
C LYS A 37 -0.64 -4.29 2.76
N ARG A 38 -1.47 -3.33 2.49
CA ARG A 38 -2.87 -3.41 3.00
C ARG A 38 -3.84 -3.31 1.83
N GLY A 39 -3.42 -3.65 0.65
CA GLY A 39 -4.37 -3.54 -0.49
C GLY A 39 -4.01 -4.55 -1.57
N LYS A 40 -4.16 -4.16 -2.79
CA LYS A 40 -3.84 -5.04 -3.94
C LYS A 40 -3.70 -4.13 -5.16
N HIS A 41 -2.56 -3.50 -5.30
CA HIS A 41 -2.43 -2.56 -6.45
C HIS A 41 -0.98 -2.13 -6.66
N TRP A 42 -0.81 -1.19 -7.55
CA TRP A 42 0.55 -0.76 -7.92
C TRP A 42 0.87 0.63 -7.34
N ALA A 43 2.12 0.99 -7.32
CA ALA A 43 2.54 2.31 -6.74
C ALA A 43 1.66 3.44 -7.29
N ASN A 44 1.90 3.85 -8.51
CA ASN A 44 1.10 4.96 -9.11
C ASN A 44 -0.34 4.90 -8.62
N GLU A 45 -0.93 3.74 -8.67
CA GLU A 45 -2.34 3.60 -8.19
C GLU A 45 -2.33 2.80 -6.88
N CYS A 46 -1.70 3.32 -5.86
CA CYS A 46 -1.66 2.57 -4.57
C CYS A 46 -2.30 3.41 -3.46
N LYS A 47 -2.80 2.73 -2.46
CA LYS A 47 -3.44 3.43 -1.31
C LYS A 47 -3.23 2.57 -0.08
N SER A 48 -3.39 3.15 1.07
CA SER A 48 -3.16 2.37 2.30
C SER A 48 -3.88 3.03 3.50
N LYS A 49 -4.10 4.32 3.45
CA LYS A 49 -4.81 4.99 4.57
C LYS A 49 -4.27 4.48 5.91
N THR A 50 -3.05 4.81 6.23
CA THR A 50 -2.47 4.34 7.51
C THR A 50 -1.83 5.52 8.23
N ASP A 51 -1.20 6.40 7.51
CA ASP A 51 -0.57 7.59 8.17
C ASP A 51 -0.52 8.76 7.19
N ASN A 52 0.54 9.54 7.22
CA ASN A 52 0.64 10.71 6.30
C ASN A 52 1.41 10.34 5.04
N GLN A 53 1.67 9.07 4.84
CA GLN A 53 2.43 8.66 3.62
C GLN A 53 1.55 7.73 2.78
N GLY A 54 2.15 6.83 2.06
CA GLY A 54 1.34 5.90 1.23
C GLY A 54 1.61 4.46 1.68
N ASN A 55 2.53 4.27 2.58
CA ASN A 55 2.83 2.88 3.05
C ASN A 55 3.33 2.88 4.50
N PRO A 56 2.61 3.53 5.37
CA PRO A 56 2.95 3.60 6.79
C PRO A 56 2.27 2.40 7.46
N ILE A 57 1.95 1.43 6.68
CA ILE A 57 1.24 0.24 7.20
C ILE A 57 1.96 -0.32 8.44
N PRO A 58 3.26 -0.46 8.35
CA PRO A 58 4.07 -1.00 9.46
C PRO A 58 4.31 0.10 10.51
N PRO A 59 3.84 -0.13 11.71
CA PRO A 59 4.01 0.81 12.82
C PRO A 59 5.42 0.72 13.40
N HIS A 60 6.01 -0.44 13.34
CA HIS A 60 7.39 -0.59 13.90
C HIS A 60 8.40 -0.61 12.73
ZN ZN B . -0.53 0.03 -1.73
N VAL A 29 -1.67 -8.48 -14.11
CA VAL A 29 -2.48 -9.05 -12.99
C VAL A 29 -1.69 -9.00 -11.67
N PRO A 30 -1.33 -7.82 -11.27
CA PRO A 30 -0.59 -7.60 -10.01
C PRO A 30 -1.58 -7.63 -8.83
N GLY A 31 -1.11 -7.62 -7.61
CA GLY A 31 -2.07 -7.70 -6.47
C GLY A 31 -1.68 -6.83 -5.28
N LEU A 32 -1.95 -7.33 -4.08
CA LEU A 32 -1.67 -6.61 -2.80
C LEU A 32 -1.09 -5.22 -3.01
N CYS A 33 0.12 -5.20 -3.42
CA CYS A 33 0.87 -3.94 -3.68
C CYS A 33 2.38 -4.19 -3.49
N PRO A 34 3.16 -3.71 -4.44
CA PRO A 34 4.63 -3.85 -4.41
C PRO A 34 5.27 -2.82 -3.49
N ARG A 35 4.48 -2.16 -2.68
CA ARG A 35 5.04 -1.14 -1.76
C ARG A 35 4.45 -1.32 -0.36
N CYS A 36 3.15 -1.15 -0.23
CA CYS A 36 2.53 -1.32 1.11
C CYS A 36 2.09 -2.77 1.26
N LYS A 37 1.05 -2.98 2.00
CA LYS A 37 0.51 -4.34 2.22
C LYS A 37 -0.89 -4.22 2.79
N ARG A 38 -1.54 -3.12 2.52
CA ARG A 38 -2.90 -2.91 3.06
C ARG A 38 -3.86 -2.74 1.88
N GLY A 39 -3.47 -3.17 0.71
CA GLY A 39 -4.36 -3.02 -0.46
C GLY A 39 -3.95 -4.02 -1.53
N LYS A 40 -4.44 -3.82 -2.73
CA LYS A 40 -4.12 -4.72 -3.87
C LYS A 40 -3.91 -3.82 -5.08
N HIS A 41 -2.70 -3.45 -5.38
CA HIS A 41 -2.50 -2.54 -6.54
C HIS A 41 -1.02 -2.25 -6.77
N TRP A 42 -0.76 -1.33 -7.66
CA TRP A 42 0.63 -1.01 -8.03
C TRP A 42 1.04 0.34 -7.43
N ALA A 43 2.31 0.64 -7.48
CA ALA A 43 2.80 1.94 -6.92
C ALA A 43 1.97 3.09 -7.46
N ASN A 44 2.09 3.39 -8.73
CA ASN A 44 1.31 4.52 -9.32
C ASN A 44 -0.11 4.50 -8.77
N GLU A 45 -0.70 3.33 -8.65
CA GLU A 45 -2.08 3.24 -8.11
C GLU A 45 -2.04 2.59 -6.74
N CYS A 46 -1.29 3.14 -5.83
CA CYS A 46 -1.21 2.54 -4.46
C CYS A 46 -1.60 3.56 -3.40
N LYS A 47 -2.48 3.19 -2.53
CA LYS A 47 -2.89 4.11 -1.43
C LYS A 47 -3.18 3.26 -0.21
N SER A 48 -2.75 3.70 0.92
CA SER A 48 -2.93 2.89 2.15
C SER A 48 -3.21 3.81 3.34
N LYS A 49 -4.44 3.86 3.77
CA LYS A 49 -4.79 4.73 4.92
C LYS A 49 -4.26 4.11 6.22
N THR A 50 -3.02 4.35 6.53
CA THR A 50 -2.43 3.78 7.78
C THR A 50 -2.01 4.94 8.69
N ASP A 51 -1.39 5.94 8.13
CA ASP A 51 -0.96 7.09 8.96
C ASP A 51 -1.20 8.41 8.20
N ASN A 52 -0.17 9.03 7.68
CA ASN A 52 -0.36 10.29 6.92
C ASN A 52 0.60 10.34 5.73
N GLN A 53 0.73 9.25 5.03
CA GLN A 53 1.66 9.23 3.86
C GLN A 53 1.04 8.37 2.76
N GLY A 54 1.82 7.52 2.13
CA GLY A 54 1.26 6.66 1.07
C GLY A 54 1.43 5.19 1.50
N ASN A 55 2.48 4.92 2.22
CA ASN A 55 2.72 3.54 2.71
C ASN A 55 3.39 3.60 4.09
N PRO A 56 2.63 4.04 5.04
CA PRO A 56 3.07 4.19 6.44
C PRO A 56 2.82 2.88 7.15
N ILE A 57 2.66 1.83 6.39
CA ILE A 57 2.35 0.53 7.00
C ILE A 57 3.40 0.19 8.07
N PRO A 58 2.97 0.08 9.30
CA PRO A 58 3.87 -0.23 10.43
C PRO A 58 4.18 -1.73 10.47
N PRO A 59 5.09 -2.08 11.33
CA PRO A 59 5.52 -3.49 11.50
C PRO A 59 4.48 -4.24 12.35
N HIS A 60 4.43 -3.96 13.62
CA HIS A 60 3.46 -4.64 14.51
C HIS A 60 2.41 -3.63 14.98
ZN ZN B . -0.15 -0.11 -1.84
N VAL A 29 -0.90 -9.00 -13.85
CA VAL A 29 -1.48 -9.76 -12.72
C VAL A 29 -0.71 -9.52 -11.41
N PRO A 30 -0.45 -8.27 -11.09
CA PRO A 30 0.26 -7.90 -9.85
C PRO A 30 -0.71 -8.02 -8.66
N GLY A 31 -0.22 -7.96 -7.44
CA GLY A 31 -1.15 -8.12 -6.27
C GLY A 31 -0.92 -7.07 -5.17
N LEU A 32 -1.02 -7.51 -3.92
CA LEU A 32 -0.87 -6.63 -2.71
C LEU A 32 -0.60 -5.18 -3.08
N CYS A 33 0.61 -4.94 -3.43
CA CYS A 33 1.07 -3.58 -3.84
C CYS A 33 2.58 -3.42 -3.55
N PRO A 34 3.30 -2.94 -4.53
CA PRO A 34 4.76 -2.72 -4.41
C PRO A 34 5.07 -1.44 -3.63
N ARG A 35 4.12 -0.94 -2.88
CA ARG A 35 4.37 0.29 -2.08
C ARG A 35 3.84 0.08 -0.66
N CYS A 36 2.60 -0.35 -0.53
CA CYS A 36 2.05 -0.57 0.82
C CYS A 36 1.84 -2.08 1.06
N LYS A 37 0.80 -2.43 1.75
CA LYS A 37 0.48 -3.84 2.03
C LYS A 37 -0.97 -3.93 2.49
N ARG A 38 -1.78 -2.96 2.11
CA ARG A 38 -3.22 -2.97 2.52
C ARG A 38 -4.08 -2.90 1.26
N GLY A 39 -4.01 -3.92 0.45
CA GLY A 39 -4.79 -3.94 -0.82
C GLY A 39 -3.96 -4.67 -1.87
N LYS A 40 -4.44 -4.80 -3.07
CA LYS A 40 -3.67 -5.49 -4.14
C LYS A 40 -3.61 -4.55 -5.33
N HIS A 41 -2.48 -3.95 -5.61
CA HIS A 41 -2.45 -3.02 -6.76
C HIS A 41 -1.07 -2.42 -6.95
N TRP A 42 -0.99 -1.50 -7.87
CA TRP A 42 0.30 -0.89 -8.22
C TRP A 42 0.32 0.59 -7.81
N ALA A 43 1.46 1.20 -7.86
CA ALA A 43 1.57 2.64 -7.47
C ALA A 43 0.48 3.46 -8.16
N ASN A 44 0.53 3.56 -9.46
CA ASN A 44 -0.49 4.35 -10.21
C ASN A 44 -1.87 4.12 -9.58
N GLU A 45 -2.10 2.94 -9.06
CA GLU A 45 -3.42 2.66 -8.42
C GLU A 45 -3.18 2.13 -7.00
N CYS A 46 -2.65 2.94 -6.13
CA CYS A 46 -2.38 2.47 -4.75
C CYS A 46 -2.91 3.48 -3.72
N LYS A 47 -3.20 3.00 -2.54
CA LYS A 47 -3.71 3.89 -1.46
C LYS A 47 -3.48 3.19 -0.14
N SER A 48 -3.30 3.92 0.90
CA SER A 48 -3.03 3.29 2.21
C SER A 48 -3.34 4.26 3.34
N LYS A 49 -4.55 4.76 3.39
CA LYS A 49 -4.92 5.71 4.48
C LYS A 49 -4.57 5.08 5.83
N THR A 50 -3.37 5.30 6.30
CA THR A 50 -2.97 4.71 7.60
C THR A 50 -2.22 5.77 8.41
N ASP A 51 -1.34 6.49 7.76
CA ASP A 51 -0.57 7.56 8.47
C ASP A 51 -0.29 8.71 7.50
N ASN A 52 0.82 9.38 7.66
CA ASN A 52 1.14 10.51 6.74
C ASN A 52 2.53 10.30 6.13
N GLN A 53 2.88 9.07 5.84
CA GLN A 53 4.21 8.78 5.25
C GLN A 53 4.00 8.12 3.88
N GLY A 54 4.44 6.89 3.72
CA GLY A 54 4.24 6.21 2.42
C GLY A 54 3.41 4.95 2.66
N ASN A 55 3.86 4.10 3.54
CA ASN A 55 3.11 2.87 3.83
C ASN A 55 3.24 2.54 5.33
N PRO A 56 2.43 3.19 6.11
CA PRO A 56 2.41 3.02 7.56
C PRO A 56 1.41 1.92 7.88
N ILE A 57 1.18 1.08 6.91
CA ILE A 57 0.20 -0.01 7.09
C ILE A 57 0.48 -0.79 8.38
N PRO A 58 1.73 -1.15 8.58
CA PRO A 58 2.14 -1.91 9.78
C PRO A 58 2.26 -0.98 10.99
N PRO A 59 1.65 -1.40 12.09
CA PRO A 59 1.67 -0.63 13.34
C PRO A 59 3.00 -0.82 14.08
N HIS A 60 3.15 -0.21 15.22
CA HIS A 60 4.42 -0.37 16.00
C HIS A 60 4.34 0.48 17.26
ZN ZN B . -0.76 0.00 -2.22
N VAL A 29 -2.88 -10.18 -12.81
CA VAL A 29 -2.09 -8.94 -12.60
C VAL A 29 -1.40 -9.05 -11.24
N PRO A 30 -0.59 -8.09 -10.91
CA PRO A 30 0.12 -8.06 -9.62
C PRO A 30 -0.90 -7.95 -8.47
N GLY A 31 -0.48 -8.10 -7.24
CA GLY A 31 -1.50 -8.05 -6.14
C GLY A 31 -1.12 -7.11 -5.00
N LEU A 32 -1.36 -7.57 -3.78
CA LEU A 32 -1.11 -6.78 -2.52
C LEU A 32 -0.78 -5.33 -2.80
N CYS A 33 0.41 -5.11 -3.26
CA CYS A 33 0.92 -3.75 -3.61
C CYS A 33 2.41 -3.64 -3.23
N PRO A 34 3.22 -3.25 -4.19
CA PRO A 34 4.68 -3.10 -3.99
C PRO A 34 5.00 -1.79 -3.25
N ARG A 35 4.01 -1.13 -2.76
CA ARG A 35 4.24 0.14 -2.01
C ARG A 35 3.71 -0.02 -0.58
N CYS A 36 2.45 -0.30 -0.43
CA CYS A 36 1.89 -0.48 0.93
C CYS A 36 1.74 -1.98 1.19
N LYS A 37 0.70 -2.36 1.88
CA LYS A 37 0.46 -3.78 2.19
C LYS A 37 -0.98 -3.95 2.63
N ARG A 38 -1.84 -3.05 2.26
CA ARG A 38 -3.26 -3.15 2.68
C ARG A 38 -4.16 -3.21 1.46
N GLY A 39 -3.64 -3.58 0.33
CA GLY A 39 -4.52 -3.63 -0.87
C GLY A 39 -3.99 -4.67 -1.84
N LYS A 40 -4.10 -4.39 -3.11
CA LYS A 40 -3.62 -5.30 -4.15
C LYS A 40 -3.47 -4.45 -5.41
N HIS A 41 -2.37 -3.76 -5.55
CA HIS A 41 -2.24 -2.87 -6.73
C HIS A 41 -0.85 -2.27 -6.82
N TRP A 42 -0.68 -1.38 -7.74
CA TRP A 42 0.65 -0.77 -7.96
C TRP A 42 0.64 0.71 -7.58
N ALA A 43 1.80 1.33 -7.56
CA ALA A 43 1.89 2.77 -7.18
C ALA A 43 0.92 3.60 -8.02
N ASN A 44 1.11 3.62 -9.32
CA ASN A 44 0.20 4.41 -10.20
C ASN A 44 -1.23 4.28 -9.70
N GLU A 45 -1.55 3.18 -9.09
CA GLU A 45 -2.93 2.97 -8.56
C GLU A 45 -2.82 2.33 -7.17
N CYS A 46 -2.30 3.04 -6.21
CA CYS A 46 -2.15 2.46 -4.84
C CYS A 46 -2.75 3.39 -3.79
N LYS A 47 -3.08 2.83 -2.66
CA LYS A 47 -3.65 3.62 -1.54
C LYS A 47 -3.43 2.85 -0.25
N SER A 48 -3.62 3.48 0.87
CA SER A 48 -3.38 2.76 2.14
C SER A 48 -4.00 3.54 3.31
N LYS A 49 -3.89 4.84 3.28
CA LYS A 49 -4.48 5.65 4.38
C LYS A 49 -4.23 4.97 5.73
N THR A 50 -2.99 4.86 6.13
CA THR A 50 -2.69 4.21 7.43
C THR A 50 -2.00 5.23 8.35
N ASP A 51 -1.23 6.12 7.79
CA ASP A 51 -0.55 7.15 8.64
C ASP A 51 -0.52 8.50 7.90
N ASN A 52 0.64 9.01 7.57
CA ASN A 52 0.69 10.32 6.85
C ASN A 52 1.93 10.37 5.95
N GLN A 53 2.42 9.24 5.53
CA GLN A 53 3.63 9.22 4.66
C GLN A 53 3.26 8.57 3.32
N GLY A 54 3.43 7.28 3.23
CA GLY A 54 3.09 6.56 1.96
C GLY A 54 2.55 5.18 2.33
N ASN A 55 3.37 4.38 2.96
CA ASN A 55 2.92 3.03 3.38
C ASN A 55 3.32 2.78 4.83
N PRO A 56 2.50 3.28 5.71
CA PRO A 56 2.69 3.17 7.17
C PRO A 56 1.98 1.91 7.63
N ILE A 57 1.84 0.99 6.74
CA ILE A 57 1.10 -0.25 7.05
C ILE A 57 1.75 -0.98 8.24
N PRO A 58 3.05 -1.13 8.19
CA PRO A 58 3.80 -1.83 9.26
C PRO A 58 3.98 -0.91 10.47
N PRO A 59 3.81 -1.48 11.64
CA PRO A 59 3.93 -0.73 12.91
C PRO A 59 5.40 -0.56 13.28
N HIS A 60 6.07 -1.63 13.60
CA HIS A 60 7.51 -1.54 13.98
C HIS A 60 8.09 -2.94 14.10
ZN ZN B . -0.86 0.04 -2.10
N VAL A 29 0.64 -8.24 -14.12
CA VAL A 29 -0.17 -9.11 -13.22
C VAL A 29 0.31 -8.97 -11.77
N PRO A 30 0.39 -7.75 -11.31
CA PRO A 30 0.81 -7.46 -9.92
C PRO A 30 -0.31 -7.81 -8.94
N GLY A 31 -0.05 -7.77 -7.65
CA GLY A 31 -1.12 -8.15 -6.68
C GLY A 31 -1.18 -7.22 -5.47
N LEU A 32 -1.18 -7.80 -4.28
CA LEU A 32 -1.29 -7.02 -2.99
C LEU A 32 -0.98 -5.53 -3.17
N CYS A 33 0.23 -5.25 -3.52
CA CYS A 33 0.72 -3.85 -3.74
C CYS A 33 2.17 -3.73 -3.26
N PRO A 34 3.04 -3.32 -4.17
CA PRO A 34 4.48 -3.14 -3.88
C PRO A 34 4.73 -1.83 -3.15
N ARG A 35 3.68 -1.21 -2.66
CA ARG A 35 3.83 0.08 -1.92
C ARG A 35 3.32 -0.13 -0.51
N CYS A 36 2.05 -0.43 -0.37
CA CYS A 36 1.49 -0.67 0.98
C CYS A 36 1.45 -2.19 1.21
N LYS A 37 0.45 -2.66 1.88
CA LYS A 37 0.32 -4.11 2.14
C LYS A 37 -1.11 -4.39 2.61
N ARG A 38 -2.04 -3.55 2.27
CA ARG A 38 -3.43 -3.78 2.73
C ARG A 38 -4.37 -3.82 1.52
N GLY A 39 -3.84 -4.07 0.36
CA GLY A 39 -4.73 -4.12 -0.83
C GLY A 39 -4.09 -4.99 -1.89
N LYS A 40 -4.50 -4.83 -3.11
CA LYS A 40 -3.96 -5.61 -4.25
C LYS A 40 -3.86 -4.66 -5.44
N HIS A 41 -2.76 -3.98 -5.59
CA HIS A 41 -2.67 -3.02 -6.71
C HIS A 41 -1.29 -2.40 -6.80
N TRP A 42 -1.16 -1.46 -7.68
CA TRP A 42 0.16 -0.84 -7.94
C TRP A 42 0.23 0.57 -7.33
N ALA A 43 1.40 1.15 -7.32
CA ALA A 43 1.56 2.51 -6.73
C ALA A 43 0.60 3.49 -7.39
N ASN A 44 0.76 3.74 -8.66
CA ASN A 44 -0.16 4.69 -9.37
C ASN A 44 -1.59 4.47 -8.88
N GLU A 45 -1.97 3.24 -8.70
CA GLU A 45 -3.35 2.95 -8.22
C GLU A 45 -3.27 2.33 -6.83
N CYS A 46 -2.71 3.03 -5.89
CA CYS A 46 -2.59 2.47 -4.51
C CYS A 46 -3.10 3.49 -3.48
N LYS A 47 -3.46 3.01 -2.32
CA LYS A 47 -3.95 3.91 -1.25
C LYS A 47 -3.72 3.21 0.08
N SER A 48 -3.52 3.96 1.12
CA SER A 48 -3.25 3.31 2.43
C SER A 48 -3.40 4.33 3.56
N LYS A 49 -4.59 4.85 3.73
CA LYS A 49 -4.81 5.84 4.82
C LYS A 49 -4.32 5.25 6.15
N THR A 50 -3.07 5.47 6.46
CA THR A 50 -2.52 4.92 7.73
C THR A 50 -1.64 5.99 8.39
N ASP A 51 -0.88 6.72 7.62
CA ASP A 51 -0.03 7.78 8.20
C ASP A 51 0.15 8.92 7.17
N ASN A 52 1.29 9.56 7.17
CA ASN A 52 1.49 10.68 6.19
C ASN A 52 2.77 10.45 5.39
N GLN A 53 3.08 9.22 5.07
CA GLN A 53 4.30 8.94 4.29
C GLN A 53 3.92 8.27 2.98
N GLY A 54 3.76 6.98 3.00
CA GLY A 54 3.38 6.24 1.77
C GLY A 54 2.76 4.91 2.17
N ASN A 55 3.46 4.15 2.97
CA ASN A 55 2.93 2.84 3.41
C ASN A 55 3.32 2.60 4.87
N PRO A 56 2.63 3.26 5.74
CA PRO A 56 2.85 3.18 7.18
C PRO A 56 2.00 2.04 7.72
N ILE A 57 1.59 1.18 6.84
CA ILE A 57 0.71 0.06 7.25
C ILE A 57 1.37 -0.71 8.39
N PRO A 58 0.81 -0.63 9.57
CA PRO A 58 1.35 -1.33 10.76
C PRO A 58 1.11 -2.86 10.73
N PRO A 59 0.04 -3.34 10.13
CA PRO A 59 -0.24 -4.79 10.08
C PRO A 59 0.64 -5.46 9.02
N HIS A 60 0.48 -6.75 8.84
CA HIS A 60 1.31 -7.48 7.84
C HIS A 60 0.46 -7.74 6.59
ZN ZN B . -1.25 -0.27 -2.03
N VAL A 29 -2.00 -7.83 -13.86
CA VAL A 29 -2.40 -8.92 -12.92
C VAL A 29 -1.61 -8.90 -11.58
N PRO A 30 -1.07 -7.78 -11.17
CA PRO A 30 -0.37 -7.69 -9.87
C PRO A 30 -1.38 -7.72 -8.72
N GLY A 31 -0.96 -7.93 -7.50
CA GLY A 31 -1.95 -8.00 -6.38
C GLY A 31 -1.57 -7.13 -5.17
N LEU A 32 -1.80 -7.66 -3.98
CA LEU A 32 -1.52 -6.96 -2.68
C LEU A 32 -1.06 -5.51 -2.89
N CYS A 33 0.12 -5.39 -3.39
CA CYS A 33 0.76 -4.07 -3.67
C CYS A 33 2.27 -4.13 -3.33
N PRO A 34 3.09 -3.83 -4.31
CA PRO A 34 4.56 -3.83 -4.13
C PRO A 34 5.04 -2.55 -3.43
N ARG A 35 4.14 -1.80 -2.87
CA ARG A 35 4.52 -0.55 -2.15
C ARG A 35 4.08 -0.70 -0.70
N CYS A 36 2.81 -0.93 -0.48
CA CYS A 36 2.33 -1.11 0.91
C CYS A 36 2.06 -2.62 1.12
N LYS A 37 1.06 -2.94 1.87
CA LYS A 37 0.72 -4.35 2.11
C LYS A 37 -0.69 -4.42 2.68
N ARG A 38 -1.50 -3.44 2.38
CA ARG A 38 -2.88 -3.44 2.92
C ARG A 38 -3.88 -3.35 1.78
N GLY A 39 -3.49 -3.68 0.58
CA GLY A 39 -4.47 -3.59 -0.53
C GLY A 39 -4.14 -4.60 -1.63
N LYS A 40 -4.25 -4.18 -2.84
CA LYS A 40 -3.96 -5.05 -4.00
C LYS A 40 -3.72 -4.14 -5.19
N HIS A 41 -2.56 -3.55 -5.29
CA HIS A 41 -2.35 -2.61 -6.43
C HIS A 41 -0.90 -2.20 -6.57
N TRP A 42 -0.67 -1.26 -7.45
CA TRP A 42 0.72 -0.85 -7.75
C TRP A 42 0.98 0.58 -7.25
N ALA A 43 2.23 0.96 -7.19
CA ALA A 43 2.59 2.33 -6.71
C ALA A 43 1.86 3.39 -7.55
N ASN A 44 2.05 3.38 -8.84
CA ASN A 44 1.37 4.38 -9.70
C ASN A 44 -0.08 4.53 -9.24
N GLU A 45 -0.63 3.50 -8.68
CA GLU A 45 -2.03 3.56 -8.18
C GLU A 45 -2.10 2.84 -6.83
N CYS A 46 -1.36 3.32 -5.85
CA CYS A 46 -1.37 2.67 -4.53
C CYS A 46 -1.86 3.65 -3.46
N LYS A 47 -2.76 3.20 -2.63
CA LYS A 47 -3.26 4.08 -1.54
C LYS A 47 -3.35 3.26 -0.27
N SER A 48 -3.16 3.87 0.85
CA SER A 48 -3.19 3.10 2.11
C SER A 48 -3.15 4.04 3.30
N LYS A 49 -4.22 4.73 3.56
CA LYS A 49 -4.25 5.67 4.71
C LYS A 49 -4.02 4.89 6.00
N THR A 50 -2.81 4.86 6.48
CA THR A 50 -2.52 4.12 7.74
C THR A 50 -1.99 5.15 8.76
N ASP A 51 -1.18 6.05 8.32
CA ASP A 51 -0.66 7.10 9.24
C ASP A 51 -0.79 8.47 8.58
N ASN A 52 0.23 8.91 7.89
CA ASN A 52 0.18 10.24 7.21
C ASN A 52 1.08 10.20 5.97
N GLN A 53 0.88 9.23 5.11
CA GLN A 53 1.73 9.14 3.90
C GLN A 53 1.03 8.27 2.84
N GLY A 54 1.75 7.39 2.19
CA GLY A 54 1.12 6.52 1.17
C GLY A 54 1.27 5.07 1.61
N ASN A 55 2.39 4.74 2.20
CA ASN A 55 2.59 3.35 2.69
C ASN A 55 3.27 3.38 4.08
N PRO A 56 2.52 3.83 5.04
CA PRO A 56 2.97 3.96 6.42
C PRO A 56 2.61 2.66 7.13
N ILE A 57 2.45 1.63 6.38
CA ILE A 57 2.04 0.34 6.98
C ILE A 57 3.08 -0.09 8.03
N PRO A 58 2.63 -0.20 9.27
CA PRO A 58 3.50 -0.60 10.39
C PRO A 58 3.74 -2.11 10.38
N PRO A 59 4.99 -2.51 10.39
CA PRO A 59 5.38 -3.92 10.39
C PRO A 59 5.24 -4.50 11.80
N HIS A 60 6.28 -4.42 12.59
CA HIS A 60 6.20 -4.96 13.98
C HIS A 60 5.76 -6.43 13.94
ZN ZN B . -0.48 -0.18 -1.89
N VAL A 29 -3.25 -7.64 -12.45
CA VAL A 29 -2.27 -8.74 -12.67
C VAL A 29 -1.48 -9.01 -11.37
N PRO A 30 -0.65 -8.07 -10.98
CA PRO A 30 0.11 -8.17 -9.72
C PRO A 30 -0.83 -8.14 -8.51
N GLY A 31 -0.32 -8.30 -7.31
CA GLY A 31 -1.26 -8.37 -6.14
C GLY A 31 -0.97 -7.31 -5.05
N LEU A 32 -1.30 -7.69 -3.83
CA LEU A 32 -1.15 -6.81 -2.62
C LEU A 32 -0.83 -5.37 -2.97
N CYS A 33 0.37 -5.19 -3.37
CA CYS A 33 0.90 -3.85 -3.78
C CYS A 33 2.41 -3.76 -3.51
N PRO A 34 3.16 -3.33 -4.50
CA PRO A 34 4.62 -3.20 -4.40
C PRO A 34 5.00 -1.90 -3.65
N ARG A 35 4.04 -1.26 -3.06
CA ARG A 35 4.31 -0.02 -2.31
C ARG A 35 3.85 -0.20 -0.87
N CYS A 36 2.61 -0.58 -0.67
CA CYS A 36 2.11 -0.78 0.71
C CYS A 36 1.89 -2.28 0.96
N LYS A 37 0.89 -2.61 1.73
CA LYS A 37 0.58 -4.01 2.03
C LYS A 37 -0.85 -4.06 2.59
N ARG A 38 -1.67 -3.14 2.18
CA ARG A 38 -3.08 -3.12 2.68
C ARG A 38 -4.04 -3.09 1.50
N GLY A 39 -3.71 -3.75 0.43
CA GLY A 39 -4.61 -3.73 -0.76
C GLY A 39 -4.14 -4.76 -1.78
N LYS A 40 -4.20 -4.40 -3.02
CA LYS A 40 -3.77 -5.30 -4.13
C LYS A 40 -3.57 -4.41 -5.35
N HIS A 41 -2.44 -3.76 -5.47
CA HIS A 41 -2.28 -2.86 -6.64
C HIS A 41 -0.88 -2.28 -6.74
N TRP A 42 -0.70 -1.42 -7.68
CA TRP A 42 0.65 -0.87 -7.93
C TRP A 42 0.74 0.61 -7.50
N ALA A 43 1.94 1.08 -7.29
CA ALA A 43 2.14 2.49 -6.86
C ALA A 43 1.17 3.42 -7.60
N ASN A 44 1.30 3.51 -8.91
CA ASN A 44 0.39 4.40 -9.68
C ASN A 44 -1.02 4.28 -9.13
N GLU A 45 -1.52 3.08 -9.05
CA GLU A 45 -2.90 2.88 -8.50
C GLU A 45 -2.78 2.36 -7.07
N CYS A 46 -2.11 3.10 -6.22
CA CYS A 46 -1.94 2.63 -4.82
C CYS A 46 -2.37 3.73 -3.85
N LYS A 47 -2.83 3.33 -2.70
CA LYS A 47 -3.25 4.31 -1.66
C LYS A 47 -3.17 3.60 -0.32
N SER A 48 -2.78 4.29 0.70
CA SER A 48 -2.62 3.61 2.00
C SER A 48 -2.79 4.62 3.14
N LYS A 49 -3.98 5.13 3.34
CA LYS A 49 -4.20 6.11 4.44
C LYS A 49 -4.06 5.37 5.77
N THR A 50 -2.87 5.32 6.30
CA THR A 50 -2.65 4.61 7.58
C THR A 50 -2.10 5.63 8.61
N ASP A 51 -1.09 6.35 8.25
CA ASP A 51 -0.53 7.37 9.20
C ASP A 51 -0.45 8.73 8.50
N ASN A 52 0.65 9.04 7.89
CA ASN A 52 0.78 10.35 7.20
C ASN A 52 1.53 10.16 5.88
N GLN A 53 1.61 8.94 5.42
CA GLN A 53 2.32 8.67 4.15
C GLN A 53 1.52 7.65 3.33
N GLY A 54 2.17 6.75 2.65
CA GLY A 54 1.43 5.74 1.84
C GLY A 54 1.87 4.33 2.23
N ASN A 55 2.89 4.22 3.06
CA ASN A 55 3.36 2.87 3.44
C ASN A 55 3.58 2.71 4.97
N PRO A 56 2.80 3.37 5.80
CA PRO A 56 2.94 3.23 7.25
C PRO A 56 2.12 2.02 7.68
N ILE A 57 1.74 1.23 6.72
CA ILE A 57 0.87 0.07 6.98
C ILE A 57 1.35 -0.69 8.23
N PRO A 58 0.40 -1.11 9.03
CA PRO A 58 0.69 -1.86 10.26
C PRO A 58 0.94 -3.34 9.93
N PRO A 59 1.29 -4.10 10.95
CA PRO A 59 1.57 -5.54 10.80
C PRO A 59 0.25 -6.32 10.69
N HIS A 60 -0.87 -5.63 10.70
CA HIS A 60 -2.17 -6.34 10.60
C HIS A 60 -2.48 -6.61 9.12
ZN ZN B . -0.73 -0.04 -2.21
#